data_4B35
#
_entry.id   4B35
#
_cell.length_a   37.640
_cell.length_b   78.710
_cell.length_c   39.590
_cell.angle_alpha   90.00
_cell.angle_beta   117.91
_cell.angle_gamma   90.00
#
_symmetry.space_group_name_H-M   'P 1 21 1'
#
loop_
_entity.id
_entity.type
_entity.pdbx_description
1 polymer 'DNA REPAIR AND RECOMBINATION PROTEIN RADA'
2 non-polymer 'PHOSPHATE ION'
3 non-polymer 'methyl 1H-indole-4-carboxylate'
4 water water
#
_entity_poly.entity_id   1
_entity_poly.type   'polypeptide(L)'
_entity_poly.pdbx_seq_one_letter_code
;MATIGRISTGSKSLDKLLGGGIETQAITEVFGEFGSGKTQLAHTLAVMVQLPPEEGGLNGSVMWIDTENTFRPERIREIA
QNRGLDPDEVLKHIAYARAFNSNHQMLLVQQAEDMIKELLNTDRPVKLLIVDSLTSHFRSEYIGRGALAERQQKLAKHLA
DLHRLANLYDIAVFVTNQVQANGGHILAHSATLRVYLRKGKGGKRIARLIDAPHLPEGEAVFSITEKGIED
;
_entity_poly.pdbx_strand_id   A
#
loop_
_chem_comp.id
_chem_comp.type
_chem_comp.name
_chem_comp.formula
4ME non-polymer 'methyl 1H-indole-4-carboxylate' 'C10 H9 N O2'
PO4 non-polymer 'PHOSPHATE ION' 'O4 P -3'
#
# COMPACT_ATOMS: atom_id res chain seq x y z
N ALA A 2 -7.01 -7.13 -18.03
CA ALA A 2 -7.34 -8.10 -17.00
C ALA A 2 -8.41 -7.53 -16.05
N THR A 3 -9.25 -8.42 -15.53
N THR A 3 -9.26 -8.41 -15.53
CA THR A 3 -10.26 -8.02 -14.56
CA THR A 3 -10.27 -8.00 -14.57
C THR A 3 -9.59 -7.47 -13.31
C THR A 3 -9.59 -7.47 -13.31
N ILE A 4 -10.20 -6.49 -12.67
CA ILE A 4 -9.64 -5.89 -11.46
C ILE A 4 -9.62 -6.92 -10.35
N GLY A 5 -8.49 -7.07 -9.68
CA GLY A 5 -8.40 -7.95 -8.53
C GLY A 5 -8.43 -7.14 -7.27
N ARG A 6 -8.83 -7.74 -6.16
CA ARG A 6 -8.85 -7.03 -4.89
C ARG A 6 -8.12 -7.81 -3.83
N ILE A 7 -7.41 -7.08 -2.98
CA ILE A 7 -6.69 -7.68 -1.87
C ILE A 7 -7.41 -7.31 -0.57
N SER A 8 -7.78 -8.31 0.21
CA SER A 8 -8.40 -8.04 1.49
C SER A 8 -7.43 -7.31 2.42
N THR A 9 -7.96 -6.31 3.14
CA THR A 9 -7.21 -5.59 4.15
C THR A 9 -7.07 -6.36 5.46
N GLY A 10 -7.82 -7.47 5.59
CA GLY A 10 -7.92 -8.19 6.85
C GLY A 10 -9.19 -7.83 7.62
N SER A 11 -9.73 -6.65 7.37
CA SER A 11 -10.97 -6.22 8.02
C SER A 11 -12.17 -6.32 7.08
N LYS A 12 -13.16 -7.11 7.45
CA LYS A 12 -14.40 -7.20 6.67
C LYS A 12 -15.11 -5.86 6.53
N SER A 13 -15.10 -5.08 7.61
CA SER A 13 -15.69 -3.74 7.61
C SER A 13 -15.01 -2.85 6.59
N LEU A 14 -13.68 -2.80 6.65
CA LEU A 14 -12.91 -1.97 5.73
C LEU A 14 -13.03 -2.48 4.30
N ASP A 15 -13.01 -3.79 4.13
CA ASP A 15 -13.18 -4.36 2.79
C ASP A 15 -14.52 -3.95 2.19
N LYS A 16 -15.57 -3.98 3.02
CA LYS A 16 -16.89 -3.61 2.55
C LYS A 16 -16.90 -2.16 2.05
N LEU A 17 -16.30 -1.26 2.84
CA LEU A 17 -16.20 0.14 2.46
C LEU A 17 -15.46 0.34 1.12
N LEU A 18 -14.47 -0.51 0.88
CA LEU A 18 -13.63 -0.39 -0.29
C LEU A 18 -14.17 -1.14 -1.52
N GLY A 19 -15.30 -1.81 -1.35
CA GLY A 19 -15.89 -2.58 -2.44
C GLY A 19 -15.28 -3.95 -2.59
N GLY A 20 -14.65 -4.46 -1.52
CA GLY A 20 -14.08 -5.79 -1.54
C GLY A 20 -12.63 -5.88 -1.08
N GLY A 21 -11.93 -4.76 -1.07
CA GLY A 21 -10.50 -4.76 -0.76
C GLY A 21 -9.85 -3.70 -1.61
N ILE A 22 -8.52 -3.56 -1.53
CA ILE A 22 -7.84 -2.61 -2.41
C ILE A 22 -7.70 -3.19 -3.81
N GLU A 23 -7.78 -2.33 -4.82
CA GLU A 23 -7.84 -2.77 -6.21
C GLU A 23 -6.50 -2.78 -6.92
N THR A 24 -6.28 -3.81 -7.74
CA THR A 24 -5.23 -3.71 -8.76
C THR A 24 -5.64 -2.65 -9.78
N GLN A 25 -4.67 -2.16 -10.55
CA GLN A 25 -4.92 -1.11 -11.54
C GLN A 25 -5.39 0.20 -10.91
N ALA A 26 -4.98 0.40 -9.66
CA ALA A 26 -5.37 1.57 -8.90
C ALA A 26 -4.29 1.93 -7.91
N ILE A 27 -4.30 3.20 -7.51
CA ILE A 27 -3.50 3.67 -6.38
C ILE A 27 -4.45 3.97 -5.22
N THR A 28 -4.28 3.25 -4.11
CA THR A 28 -4.99 3.55 -2.88
C THR A 28 -4.07 4.36 -1.98
N GLU A 29 -4.54 5.52 -1.55
CA GLU A 29 -3.71 6.47 -0.81
C GLU A 29 -4.31 6.66 0.57
N VAL A 30 -3.59 6.25 1.61
CA VAL A 30 -4.11 6.21 2.94
C VAL A 30 -3.42 7.24 3.82
N PHE A 31 -4.22 8.14 4.38
CA PHE A 31 -3.74 9.26 5.20
C PHE A 31 -3.91 8.95 6.66
N GLY A 32 -3.00 9.43 7.49
CA GLY A 32 -3.20 9.31 8.92
C GLY A 32 -2.05 9.88 9.69
N GLU A 33 -2.34 10.34 10.89
CA GLU A 33 -1.33 10.88 11.78
C GLU A 33 -0.64 9.71 12.44
N PHE A 34 0.37 10.00 13.25
CA PHE A 34 1.14 8.95 13.89
C PHE A 34 0.23 8.03 14.71
N GLY A 35 0.37 6.73 14.49
CA GLY A 35 -0.41 5.73 15.22
C GLY A 35 -1.79 5.48 14.63
N SER A 36 -2.05 6.02 13.45
CA SER A 36 -3.35 5.90 12.80
C SER A 36 -3.67 4.48 12.33
N GLY A 37 -2.63 3.70 12.07
CA GLY A 37 -2.81 2.36 11.53
C GLY A 37 -2.40 2.20 10.07
N LYS A 38 -1.98 3.29 9.41
CA LYS A 38 -1.71 3.20 7.97
C LYS A 38 -0.54 2.27 7.64
N THR A 39 0.51 2.28 8.46
CA THR A 39 1.64 1.40 8.22
C THR A 39 1.29 -0.04 8.63
N GLN A 40 0.45 -0.18 9.66
CA GLN A 40 -0.02 -1.52 10.05
C GLN A 40 -0.85 -2.13 8.92
N LEU A 41 -1.65 -1.29 8.28
CA LEU A 41 -2.44 -1.72 7.13
C LEU A 41 -1.50 -2.13 5.99
N ALA A 42 -0.46 -1.35 5.74
CA ALA A 42 0.53 -1.75 4.77
C ALA A 42 1.13 -3.13 5.07
N HIS A 43 1.52 -3.35 6.33
CA HIS A 43 2.12 -4.63 6.71
C HIS A 43 1.13 -5.78 6.52
N THR A 44 -0.13 -5.54 6.86
CA THR A 44 -1.15 -6.58 6.70
C THR A 44 -1.36 -6.92 5.23
N LEU A 45 -1.48 -5.90 4.37
CA LEU A 45 -1.67 -6.15 2.95
C LEU A 45 -0.51 -6.94 2.34
N ALA A 46 0.72 -6.71 2.80
CA ALA A 46 1.89 -7.40 2.27
C ALA A 46 1.87 -8.90 2.59
N VAL A 47 1.11 -9.27 3.63
CA VAL A 47 0.87 -10.67 3.92
C VAL A 47 -0.36 -11.18 3.15
N MET A 48 -1.47 -10.46 3.25
CA MET A 48 -2.72 -10.89 2.63
C MET A 48 -2.58 -11.17 1.13
N VAL A 49 -1.84 -10.32 0.41
CA VAL A 49 -1.77 -10.49 -1.03
C VAL A 49 -1.14 -11.83 -1.42
N GLN A 50 -0.39 -12.44 -0.51
CA GLN A 50 0.29 -13.70 -0.83
C GLN A 50 -0.63 -14.91 -0.71
N LEU A 51 -1.83 -14.69 -0.19
CA LEU A 51 -2.80 -15.77 -0.05
C LEU A 51 -3.53 -16.01 -1.36
N PRO A 52 -4.18 -17.17 -1.49
CA PRO A 52 -5.04 -17.42 -2.65
C PRO A 52 -6.30 -16.55 -2.57
N PRO A 53 -6.98 -16.35 -3.72
CA PRO A 53 -8.18 -15.51 -3.76
C PRO A 53 -9.23 -15.92 -2.73
N GLU A 54 -9.39 -17.21 -2.51
CA GLU A 54 -10.39 -17.69 -1.56
C GLU A 54 -10.12 -17.20 -0.14
N GLU A 55 -8.85 -16.84 0.12
CA GLU A 55 -8.47 -16.34 1.43
C GLU A 55 -8.21 -14.83 1.41
N GLY A 56 -8.49 -14.19 0.29
CA GLY A 56 -8.45 -12.73 0.22
C GLY A 56 -7.21 -12.18 -0.47
N GLY A 57 -6.40 -13.04 -1.06
CA GLY A 57 -5.19 -12.60 -1.73
C GLY A 57 -5.21 -12.78 -3.24
N LEU A 58 -4.04 -12.63 -3.85
CA LEU A 58 -3.92 -12.74 -5.31
C LEU A 58 -2.71 -13.60 -5.67
N ASN A 59 -2.32 -14.48 -4.75
CA ASN A 59 -1.14 -15.32 -4.97
C ASN A 59 0.01 -14.49 -5.53
N GLY A 60 0.26 -13.34 -4.91
CA GLY A 60 1.25 -12.43 -5.45
C GLY A 60 2.47 -12.16 -4.58
N SER A 61 3.45 -11.52 -5.18
CA SER A 61 4.64 -10.99 -4.51
CA SER A 61 4.57 -11.02 -4.40
C SER A 61 4.45 -9.51 -4.21
N VAL A 62 5.35 -8.96 -3.42
CA VAL A 62 5.29 -7.58 -3.00
C VAL A 62 6.58 -6.84 -3.29
N MET A 63 6.46 -5.56 -3.62
CA MET A 63 7.60 -4.66 -3.65
C MET A 63 7.30 -3.52 -2.71
N TRP A 64 8.25 -3.19 -1.85
CA TRP A 64 8.06 -2.25 -0.76
C TRP A 64 9.14 -1.18 -0.75
N ILE A 65 8.74 0.07 -0.97
CA ILE A 65 9.65 1.21 -0.90
C ILE A 65 9.39 1.98 0.39
N ASP A 66 10.41 2.07 1.24
CA ASP A 66 10.32 2.60 2.60
C ASP A 66 11.11 3.90 2.66
N THR A 67 10.46 5.02 2.98
CA THR A 67 11.15 6.31 2.98
C THR A 67 11.64 6.74 4.35
N GLU A 68 11.07 6.19 5.41
CA GLU A 68 11.39 6.65 6.76
C GLU A 68 11.67 5.53 7.75
N ASN A 69 12.08 4.38 7.26
CA ASN A 69 12.43 3.25 8.13
C ASN A 69 11.26 2.81 9.00
N THR A 70 10.12 2.55 8.36
CA THR A 70 8.94 2.09 9.09
C THR A 70 8.56 0.63 8.79
N PHE A 71 9.28 -0.01 7.89
CA PHE A 71 9.07 -1.44 7.63
C PHE A 71 9.66 -2.29 8.76
N ARG A 72 8.86 -3.22 9.27
CA ARG A 72 9.28 -4.06 10.39
C ARG A 72 9.15 -5.54 10.00
N PRO A 73 10.28 -6.17 9.63
CA PRO A 73 10.21 -7.58 9.25
C PRO A 73 9.61 -8.44 10.36
N GLU A 74 9.91 -8.11 11.61
CA GLU A 74 9.33 -8.90 12.69
C GLU A 74 7.80 -8.80 12.76
N ARG A 75 7.25 -7.67 12.31
CA ARG A 75 5.81 -7.51 12.28
C ARG A 75 5.18 -8.35 11.17
N ILE A 76 5.86 -8.39 10.02
CA ILE A 76 5.48 -9.30 8.95
C ILE A 76 5.43 -10.75 9.44
N ARG A 77 6.48 -11.19 10.13
CA ARG A 77 6.52 -12.56 10.65
C ARG A 77 5.35 -12.82 11.58
N GLU A 78 5.11 -11.88 12.49
CA GLU A 78 4.01 -12.05 13.42
C GLU A 78 2.67 -12.18 12.71
N ILE A 79 2.40 -11.28 11.77
CA ILE A 79 1.12 -11.32 11.07
C ILE A 79 1.00 -12.62 10.29
N ALA A 80 2.07 -13.00 9.61
CA ALA A 80 2.12 -14.22 8.81
C ALA A 80 1.77 -15.43 9.68
N GLN A 81 2.44 -15.56 10.80
CA GLN A 81 2.29 -16.74 11.65
C GLN A 81 0.92 -16.80 12.30
N ASN A 82 0.45 -15.65 12.78
CA ASN A 82 -0.87 -15.57 13.37
C ASN A 82 -1.99 -15.82 12.35
N ARG A 83 -1.63 -15.83 11.07
CA ARG A 83 -2.59 -16.14 10.01
C ARG A 83 -2.30 -17.49 9.34
N GLY A 84 -1.46 -18.30 9.98
CA GLY A 84 -1.17 -19.65 9.51
C GLY A 84 -0.15 -19.81 8.40
N LEU A 85 0.47 -18.72 7.96
CA LEU A 85 1.45 -18.81 6.88
C LEU A 85 2.83 -19.03 7.47
N ASP A 86 3.80 -19.31 6.61
CA ASP A 86 5.20 -19.45 7.02
C ASP A 86 5.87 -18.09 7.01
N PRO A 87 6.36 -17.63 8.17
CA PRO A 87 6.90 -16.27 8.28
C PRO A 87 8.11 -16.04 7.38
N ASP A 88 8.93 -17.06 7.21
CA ASP A 88 10.13 -16.94 6.38
C ASP A 88 9.78 -16.83 4.89
N GLU A 89 8.83 -17.65 4.44
CA GLU A 89 8.39 -17.59 3.06
C GLU A 89 7.73 -16.24 2.75
N VAL A 90 6.85 -15.80 3.64
CA VAL A 90 6.17 -14.52 3.47
C VAL A 90 7.16 -13.37 3.32
N LEU A 91 8.19 -13.33 4.16
CA LEU A 91 9.24 -12.31 4.07
C LEU A 91 10.06 -12.39 2.78
N LYS A 92 10.32 -13.59 2.29
CA LYS A 92 11.13 -13.78 1.08
C LYS A 92 10.44 -13.20 -0.15
N HIS A 93 9.12 -13.06 -0.06
CA HIS A 93 8.36 -12.56 -1.21
C HIS A 93 8.00 -11.07 -1.10
N ILE A 94 8.62 -10.39 -0.15
CA ILE A 94 8.56 -8.94 -0.08
C ILE A 94 9.92 -8.37 -0.48
N ALA A 95 10.00 -7.78 -1.67
CA ALA A 95 11.23 -7.17 -2.13
C ALA A 95 11.31 -5.78 -1.51
N TYR A 96 12.32 -5.56 -0.68
CA TYR A 96 12.45 -4.34 0.10
C TYR A 96 13.45 -3.35 -0.49
N ALA A 97 13.07 -2.08 -0.54
CA ALA A 97 14.00 -1.03 -0.93
C ALA A 97 13.83 0.18 -0.03
N ARG A 98 14.94 0.67 0.51
CA ARG A 98 14.96 1.94 1.21
C ARG A 98 15.18 3.06 0.19
N ALA A 99 14.34 4.10 0.27
CA ALA A 99 14.53 5.29 -0.54
C ALA A 99 15.15 6.39 0.31
N PHE A 100 16.33 6.87 -0.09
CA PHE A 100 17.08 7.80 0.74
C PHE A 100 16.66 9.26 0.59
N ASN A 101 16.04 9.57 -0.54
CA ASN A 101 15.58 10.93 -0.83
C ASN A 101 14.56 10.84 -1.94
N SER A 102 13.98 11.96 -2.32
CA SER A 102 12.88 11.96 -3.29
C SER A 102 13.30 11.55 -4.70
N ASN A 103 14.49 11.98 -5.13
CA ASN A 103 14.99 11.53 -6.41
C ASN A 103 15.15 10.02 -6.48
N HIS A 104 15.77 9.47 -5.44
CA HIS A 104 16.00 8.04 -5.30
C HIS A 104 14.65 7.31 -5.30
N GLN A 105 13.68 7.85 -4.55
CA GLN A 105 12.35 7.27 -4.50
C GLN A 105 11.72 7.16 -5.88
N MET A 106 11.85 8.23 -6.67
N MET A 106 11.84 8.23 -6.67
CA MET A 106 11.31 8.24 -8.02
CA MET A 106 11.30 8.22 -8.02
C MET A 106 12.04 7.21 -8.90
C MET A 106 12.04 7.21 -8.90
N LEU A 107 13.37 7.15 -8.78
CA LEU A 107 14.17 6.19 -9.51
C LEU A 107 13.80 4.75 -9.15
N LEU A 108 13.53 4.51 -7.87
CA LEU A 108 13.18 3.16 -7.42
C LEU A 108 11.87 2.68 -8.05
N VAL A 109 10.90 3.58 -8.22
CA VAL A 109 9.65 3.22 -8.87
C VAL A 109 9.87 2.91 -10.34
N GLN A 110 10.68 3.73 -11.00
CA GLN A 110 11.04 3.50 -12.40
C GLN A 110 11.73 2.15 -12.58
N GLN A 111 12.71 1.88 -11.72
CA GLN A 111 13.51 0.67 -11.81
C GLN A 111 12.77 -0.59 -11.37
N ALA A 112 11.68 -0.40 -10.63
CA ALA A 112 10.87 -1.53 -10.17
C ALA A 112 10.29 -2.32 -11.33
N GLU A 113 10.11 -1.67 -12.47
CA GLU A 113 9.51 -2.33 -13.63
C GLU A 113 10.28 -3.59 -14.06
N ASP A 114 11.60 -3.57 -13.87
CA ASP A 114 12.44 -4.72 -14.20
C ASP A 114 12.04 -5.98 -13.43
N MET A 115 11.89 -5.87 -12.12
CA MET A 115 11.49 -7.02 -11.31
CA MET A 115 11.49 -7.02 -11.31
C MET A 115 10.05 -7.42 -11.63
N ILE A 116 9.22 -6.43 -11.92
CA ILE A 116 7.83 -6.68 -12.24
C ILE A 116 7.77 -7.52 -13.51
N LYS A 117 8.53 -7.13 -14.53
CA LYS A 117 8.60 -7.88 -15.77
C LYS A 117 9.10 -9.30 -15.54
N GLU A 118 10.15 -9.42 -14.72
CA GLU A 118 10.73 -10.72 -14.43
C GLU A 118 9.71 -11.69 -13.82
N LEU A 119 8.90 -11.17 -12.91
CA LEU A 119 7.98 -12.00 -12.18
C LEU A 119 6.61 -12.18 -12.86
N LEU A 120 6.38 -11.41 -13.92
CA LEU A 120 5.05 -11.26 -14.52
C LEU A 120 4.34 -12.57 -14.87
N ASN A 121 5.02 -13.45 -15.58
CA ASN A 121 4.37 -14.70 -15.96
C ASN A 121 4.88 -15.89 -15.14
N THR A 122 5.13 -15.64 -13.86
CA THR A 122 5.56 -16.69 -12.95
C THR A 122 4.44 -17.07 -11.97
N ASP A 123 4.77 -17.91 -10.99
CA ASP A 123 3.79 -18.32 -10.00
C ASP A 123 3.51 -17.25 -8.96
N ARG A 124 4.36 -16.21 -8.92
CA ARG A 124 4.24 -15.16 -7.91
C ARG A 124 4.48 -13.79 -8.52
N PRO A 125 3.61 -13.37 -9.43
CA PRO A 125 3.76 -12.04 -10.03
C PRO A 125 3.64 -10.96 -8.95
N VAL A 126 4.28 -9.81 -9.18
CA VAL A 126 4.09 -8.69 -8.26
C VAL A 126 2.61 -8.28 -8.31
N LYS A 127 1.96 -8.25 -7.15
CA LYS A 127 0.57 -7.82 -7.08
C LYS A 127 0.36 -6.61 -6.18
N LEU A 128 1.38 -6.24 -5.42
CA LEU A 128 1.29 -5.13 -4.47
C LEU A 128 2.59 -4.35 -4.49
N LEU A 129 2.51 -3.05 -4.72
CA LEU A 129 3.65 -2.16 -4.66
C LEU A 129 3.31 -1.10 -3.62
N ILE A 130 4.08 -1.07 -2.55
CA ILE A 130 3.86 -0.13 -1.46
C ILE A 130 4.88 1.00 -1.51
N VAL A 131 4.42 2.24 -1.35
CA VAL A 131 5.31 3.37 -1.11
C VAL A 131 4.90 3.97 0.23
N ASP A 132 5.72 3.77 1.25
CA ASP A 132 5.42 4.25 2.59
C ASP A 132 6.62 5.08 2.98
N SER A 133 6.57 6.40 2.87
CA SER A 133 5.36 7.12 2.51
C SER A 133 5.59 7.90 1.23
N LEU A 134 4.49 8.32 0.61
CA LEU A 134 4.54 8.98 -0.69
C LEU A 134 5.29 10.30 -0.62
N THR A 135 5.14 11.03 0.48
CA THR A 135 5.52 12.45 0.49
C THR A 135 6.57 12.88 1.51
N SER A 136 7.03 12.01 2.39
CA SER A 136 7.93 12.47 3.44
C SER A 136 9.16 13.17 2.86
N HIS A 137 9.79 12.57 1.85
CA HIS A 137 10.98 13.18 1.26
C HIS A 137 10.66 14.47 0.51
N PHE A 138 9.53 14.50 -0.19
CA PHE A 138 9.16 15.70 -0.95
C PHE A 138 8.90 16.86 0.01
N ARG A 139 8.25 16.57 1.12
CA ARG A 139 7.93 17.56 2.14
C ARG A 139 9.21 18.11 2.80
N SER A 140 10.20 17.23 2.99
CA SER A 140 11.45 17.61 3.64
C SER A 140 12.34 18.44 2.72
N GLU A 141 12.30 18.13 1.43
CA GLU A 141 13.27 18.70 0.52
C GLU A 141 12.81 19.98 -0.15
N TYR A 142 11.51 20.14 -0.33
CA TYR A 142 10.98 21.25 -1.09
C TYR A 142 10.25 22.21 -0.17
N ILE A 143 11.00 23.16 0.38
CA ILE A 143 10.51 24.05 1.42
C ILE A 143 10.03 25.40 0.89
N GLY A 144 8.90 25.86 1.40
CA GLY A 144 8.41 27.19 1.09
C GLY A 144 7.83 27.30 -0.30
N ARG A 145 7.44 28.52 -0.68
CA ARG A 145 6.72 28.72 -1.95
C ARG A 145 7.61 28.70 -3.19
N GLY A 146 8.88 29.01 -3.03
CA GLY A 146 9.80 28.94 -4.15
C GLY A 146 9.97 27.51 -4.65
N ALA A 147 9.60 26.55 -3.80
CA ALA A 147 9.84 25.15 -4.11
C ALA A 147 8.57 24.38 -4.45
N LEU A 148 7.42 25.02 -4.26
CA LEU A 148 6.13 24.36 -4.47
C LEU A 148 5.96 23.82 -5.89
N ALA A 149 6.19 24.67 -6.88
CA ALA A 149 5.98 24.30 -8.27
C ALA A 149 6.71 23.00 -8.61
N GLU A 150 8.00 22.96 -8.32
CA GLU A 150 8.81 21.79 -8.62
C GLU A 150 8.37 20.57 -7.82
N ARG A 151 7.98 20.78 -6.57
CA ARG A 151 7.52 19.67 -5.72
C ARG A 151 6.28 19.02 -6.33
N GLN A 152 5.33 19.83 -6.75
CA GLN A 152 4.08 19.32 -7.31
C GLN A 152 4.33 18.60 -8.63
N GLN A 153 5.20 19.15 -9.46
CA GLN A 153 5.52 18.52 -10.74
C GLN A 153 6.20 17.17 -10.57
N LYS A 154 7.18 17.11 -9.67
CA LYS A 154 7.89 15.87 -9.40
C LYS A 154 6.95 14.82 -8.81
N LEU A 155 6.13 15.24 -7.85
CA LEU A 155 5.14 14.34 -7.25
C LEU A 155 4.15 13.83 -8.29
N ALA A 156 3.68 14.75 -9.14
CA ALA A 156 2.77 14.37 -10.21
C ALA A 156 3.36 13.30 -11.14
N LYS A 157 4.62 13.48 -11.51
CA LYS A 157 5.30 12.52 -12.37
C LYS A 157 5.41 11.18 -11.66
N HIS A 158 5.74 11.22 -10.38
CA HIS A 158 5.89 10.04 -9.54
C HIS A 158 4.60 9.23 -9.49
N LEU A 159 3.50 9.92 -9.25
CA LEU A 159 2.17 9.29 -9.27
C LEU A 159 1.85 8.73 -10.65
N ALA A 160 2.21 9.46 -11.70
CA ALA A 160 1.97 8.98 -13.05
C ALA A 160 2.72 7.67 -13.29
N ASP A 161 3.97 7.60 -12.84
CA ASP A 161 4.77 6.38 -12.99
C ASP A 161 4.09 5.22 -12.25
N LEU A 162 3.63 5.50 -11.03
CA LEU A 162 2.95 4.48 -10.24
C LEU A 162 1.66 4.01 -10.91
N HIS A 163 0.89 4.93 -11.47
CA HIS A 163 -0.33 4.58 -12.16
C HIS A 163 -0.04 3.68 -13.35
N ARG A 164 1.01 4.00 -14.08
CA ARG A 164 1.36 3.22 -15.25
C ARG A 164 1.67 1.78 -14.86
N LEU A 165 2.46 1.60 -13.81
CA LEU A 165 2.80 0.25 -13.37
C LEU A 165 1.56 -0.51 -12.92
N ALA A 166 0.70 0.16 -12.15
CA ALA A 166 -0.52 -0.47 -11.68
C ALA A 166 -1.36 -0.97 -12.85
N ASN A 167 -1.53 -0.12 -13.86
CA ASN A 167 -2.43 -0.42 -14.98
C ASN A 167 -1.84 -1.43 -15.95
N LEU A 168 -0.57 -1.24 -16.29
CA LEU A 168 0.08 -2.12 -17.27
C LEU A 168 0.30 -3.54 -16.75
N TYR A 169 0.58 -3.66 -15.46
CA TYR A 169 0.97 -4.95 -14.91
C TYR A 169 -0.01 -5.51 -13.89
N ASP A 170 -1.17 -4.87 -13.77
CA ASP A 170 -2.26 -5.37 -12.92
C ASP A 170 -1.83 -5.51 -11.45
N ILE A 171 -1.32 -4.40 -10.92
CA ILE A 171 -0.75 -4.32 -9.58
C ILE A 171 -1.59 -3.35 -8.77
N ALA A 172 -1.82 -3.68 -7.50
CA ALA A 172 -2.41 -2.75 -6.55
C ALA A 172 -1.28 -1.91 -5.96
N VAL A 173 -1.33 -0.61 -6.22
CA VAL A 173 -0.38 0.31 -5.59
C VAL A 173 -1.01 0.90 -4.34
N PHE A 174 -0.26 0.85 -3.25
CA PHE A 174 -0.72 1.29 -1.94
C PHE A 174 0.30 2.28 -1.40
N VAL A 175 -0.13 3.51 -1.17
CA VAL A 175 0.79 4.52 -0.66
C VAL A 175 0.23 5.18 0.59
N THR A 176 1.12 5.55 1.50
CA THR A 176 0.69 6.28 2.70
C THR A 176 1.03 7.76 2.58
N ASN A 177 0.34 8.58 3.36
CA ASN A 177 0.51 10.02 3.24
C ASN A 177 0.03 10.63 4.55
N GLN A 178 0.24 11.94 4.69
CA GLN A 178 -0.31 12.69 5.82
C GLN A 178 -0.85 14.00 5.28
N VAL A 179 -1.94 14.50 5.85
CA VAL A 179 -2.59 15.69 5.31
C VAL A 179 -1.72 16.94 5.47
N SER A 190 -9.83 10.38 -8.78
CA SER A 190 -8.43 10.27 -9.20
C SER A 190 -7.63 11.45 -8.64
N ALA A 191 -6.30 11.34 -8.67
CA ALA A 191 -5.60 10.21 -9.26
C ALA A 191 -5.63 8.96 -8.37
N THR A 192 -6.10 9.10 -7.14
CA THR A 192 -6.00 8.01 -6.19
C THR A 192 -7.32 7.82 -5.44
N LEU A 193 -7.47 6.65 -4.82
CA LEU A 193 -8.59 6.40 -3.94
C LEU A 193 -8.15 6.78 -2.54
N ARG A 194 -8.76 7.80 -1.96
CA ARG A 194 -8.27 8.35 -0.70
C ARG A 194 -9.03 7.86 0.52
N VAL A 195 -8.29 7.33 1.48
CA VAL A 195 -8.83 6.79 2.71
C VAL A 195 -8.13 7.51 3.87
N TYR A 196 -8.92 8.02 4.82
CA TYR A 196 -8.39 8.77 5.94
C TYR A 196 -8.60 8.00 7.22
N LEU A 197 -7.53 7.74 7.94
CA LEU A 197 -7.58 6.99 9.19
C LEU A 197 -7.51 7.93 10.36
N ARG A 198 -8.28 7.60 11.40
CA ARG A 198 -8.23 8.38 12.63
C ARG A 198 -8.48 7.46 13.82
N LYS A 199 -8.11 7.93 15.01
CA LYS A 199 -8.37 7.18 16.22
C LYS A 199 -9.86 7.17 16.53
N GLY A 200 -10.37 5.99 16.86
CA GLY A 200 -11.74 5.85 17.32
C GLY A 200 -11.77 5.71 18.82
N LYS A 201 -12.77 4.99 19.31
CA LYS A 201 -12.94 4.79 20.74
C LYS A 201 -12.29 3.49 21.19
N GLY A 202 -11.71 3.49 22.39
CA GLY A 202 -11.15 2.30 22.98
C GLY A 202 -10.02 1.63 22.20
N GLY A 203 -9.24 2.44 21.48
CA GLY A 203 -8.10 1.92 20.77
C GLY A 203 -8.43 1.38 19.39
N LYS A 204 -9.70 1.45 18.99
CA LYS A 204 -10.08 1.10 17.64
C LYS A 204 -9.72 2.23 16.68
N ARG A 205 -9.61 1.89 15.39
CA ARG A 205 -9.32 2.89 14.39
C ARG A 205 -10.52 3.02 13.45
N ILE A 206 -10.62 4.17 12.81
CA ILE A 206 -11.71 4.44 11.90
C ILE A 206 -11.15 4.85 10.54
N ALA A 207 -11.63 4.22 9.48
CA ALA A 207 -11.31 4.63 8.12
C ALA A 207 -12.50 5.35 7.49
N ARG A 208 -12.23 6.47 6.84
CA ARG A 208 -13.27 7.16 6.09
C ARG A 208 -12.85 7.31 4.64
N LEU A 209 -13.72 6.86 3.74
CA LEU A 209 -13.47 6.94 2.31
C LEU A 209 -14.04 8.27 1.84
N ILE A 210 -13.25 9.02 1.11
CA ILE A 210 -13.67 10.34 0.66
C ILE A 210 -13.44 10.53 -0.83
N ASP A 211 -14.44 11.07 -1.53
CA ASP A 211 -14.33 11.49 -2.91
C ASP A 211 -14.08 10.36 -3.91
N ALA A 212 -14.53 9.16 -3.59
CA ALA A 212 -14.45 8.07 -4.54
C ALA A 212 -15.49 8.30 -5.64
N PRO A 213 -15.06 8.19 -6.91
CA PRO A 213 -15.99 8.42 -8.02
C PRO A 213 -17.16 7.43 -8.04
N HIS A 214 -16.92 6.19 -7.65
CA HIS A 214 -17.95 5.17 -7.80
C HIS A 214 -18.10 4.26 -6.58
N LEU A 215 -17.66 4.75 -5.42
CA LEU A 215 -17.95 4.13 -4.14
C LEU A 215 -18.53 5.18 -3.22
N PRO A 216 -19.59 4.83 -2.47
CA PRO A 216 -20.17 5.84 -1.58
C PRO A 216 -19.18 6.19 -0.49
N GLU A 217 -19.16 7.44 -0.07
CA GLU A 217 -18.37 7.80 1.09
C GLU A 217 -18.94 7.02 2.26
N GLY A 218 -18.12 6.81 3.28
CA GLY A 218 -18.55 6.04 4.42
C GLY A 218 -17.41 5.79 5.37
N GLU A 219 -17.68 5.07 6.44
CA GLU A 219 -16.68 4.77 7.45
C GLU A 219 -16.67 3.30 7.83
N ALA A 220 -15.50 2.83 8.28
CA ALA A 220 -15.35 1.45 8.73
C ALA A 220 -14.55 1.49 10.02
N VAL A 221 -15.01 0.79 11.04
CA VAL A 221 -14.25 0.69 12.27
C VAL A 221 -13.46 -0.61 12.26
N PHE A 222 -12.19 -0.56 12.65
CA PHE A 222 -11.37 -1.76 12.63
C PHE A 222 -10.42 -1.80 13.82
N SER A 223 -9.82 -2.96 14.04
CA SER A 223 -8.89 -3.17 15.13
C SER A 223 -7.49 -3.49 14.62
N ILE A 224 -6.50 -3.29 15.48
CA ILE A 224 -5.14 -3.70 15.21
C ILE A 224 -4.79 -4.80 16.20
N THR A 225 -4.38 -5.95 15.69
CA THR A 225 -4.17 -7.11 16.55
C THR A 225 -2.89 -7.83 16.14
N GLU A 226 -2.65 -9.02 16.70
CA GLU A 226 -1.50 -9.82 16.30
C GLU A 226 -1.62 -10.31 14.86
N LYS A 227 -2.84 -10.26 14.31
CA LYS A 227 -3.05 -10.60 12.90
C LYS A 227 -2.92 -9.36 12.01
N GLY A 228 -2.56 -8.22 12.60
CA GLY A 228 -2.54 -6.97 11.86
C GLY A 228 -3.91 -6.33 11.94
N ILE A 229 -4.46 -5.91 10.81
N ILE A 229 -4.46 -5.96 10.79
CA ILE A 229 -5.79 -5.31 10.84
CA ILE A 229 -5.78 -5.36 10.69
C ILE A 229 -6.89 -6.35 10.63
C ILE A 229 -6.86 -6.45 10.67
N GLU A 230 -7.92 -6.25 11.45
CA GLU A 230 -9.12 -7.09 11.34
C GLU A 230 -10.26 -6.33 12.02
N ASP A 231 -11.49 -6.80 11.85
CA ASP A 231 -12.63 -6.12 12.48
C ASP A 231 -12.42 -6.04 13.99
P PO4 B . 1.34 2.99 12.05
O1 PO4 B . 1.12 4.56 12.48
O2 PO4 B . 0.18 2.17 11.24
O3 PO4 B . 2.38 2.16 12.75
O4 PO4 B . 0.19 3.02 12.98
CAJ 4ME C . 15.03 -6.29 -3.43
OAM 4ME C . 14.08 -5.23 -3.62
CAI 4ME C . 14.36 -4.46 -4.69
OAL 4ME C . 15.36 -4.67 -5.39
CAG 4ME C . 13.41 -3.32 -4.99
CAB 4ME C . 12.30 -3.16 -4.18
CAA 4ME C . 11.41 -2.13 -4.43
CAC 4ME C . 11.60 -1.25 -5.46
CAH 4ME C . 12.72 -1.40 -6.27
CAF 4ME C . 13.62 -2.44 -6.05
CAD 4ME C . 14.57 -2.35 -6.98
CAE 4ME C . 14.28 -1.31 -7.75
NAK 4ME C . 13.15 -0.74 -7.33
#